data_2PIK
#
_entry.id   2PIK
#
_cell.length_a   1.000
_cell.length_b   1.000
_cell.length_c   1.000
_cell.angle_alpha   90.00
_cell.angle_beta   90.00
_cell.angle_gamma   90.00
#
_symmetry.space_group_name_H-M   'P 1'
#
loop_
_entity.id
_entity.type
_entity.pdbx_description
1 polymer "DNA(5'-D(C*AP*CP*TP*CP*CP*TP*GP*GP*TP*TP*TP*TP* TP*GP*TP*GP*AP*GP*GP*AP*CP*CP)-3')"
2 branched 2,4-dideoxy-4-(ethylamino)-3-O-methyl-alpha-L-threo-pentopyranose-(1-2)-4-amino-4,6-dideoxy-beta-D-glucopyranose
3 non-polymer 2,6-dideoxy-4-thio-beta-D-allopyranose
4 non-polymer '4-HYDROXY-5-IODO-2,3-DIMETHOXY-6-METHYLBENZOIC ACID'
5 non-polymer 3-O-methyl-alpha-L-rhamnopyranose
6 non-polymer '[1,8-DIHYDROXY-11-OXO-13-(2-METHYLTRITHIO-ETHYLIDENE)-BICYCLO[7.3.1]TRIDECA-4,9-DIENE-2,6-DIYN-10-YL]-CARBAMIC ACID METHYL ESTER'
#
_entity_poly.entity_id   1
_entity_poly.type   'polydeoxyribonucleotide'
_entity_poly.pdbx_seq_one_letter_code
;(DC)(DA)(DC)(DT)(DC)(DC)(DT)(DG)(DG)(DT)(DT)(DT)(DT)(DT)(DC)(DC)(DA)(DG)(DG)(DA)
(DG)(DT)(DG)
;
_entity_poly.pdbx_strand_id   A
#
loop_
_chem_comp.id
_chem_comp.type
_chem_comp.name
_chem_comp.formula
DA DNA linking 2'-DEOXYADENOSINE-5'-MONOPHOSPHATE 'C10 H14 N5 O6 P'
DAG D-saccharide, beta linking 4-amino-4,6-dideoxy-beta-D-glucopyranose 'C6 H13 N O4'
DC DNA linking 2'-DEOXYCYTIDINE-5'-MONOPHOSPHATE 'C9 H14 N3 O7 P'
DG DNA linking 2'-DEOXYGUANOSINE-5'-MONOPHOSPHATE 'C10 H14 N5 O7 P'
DSR D-saccharide, beta linking 2,6-dideoxy-4-thio-beta-D-allopyranose 'C6 H12 O3 S'
DT DNA linking THYMIDINE-5'-MONOPHOSPHATE 'C10 H15 N2 O8 P'
EMP L-saccharide, alpha linking 2,4-dideoxy-4-(ethylamino)-3-O-methyl-alpha-L-threo-pentopyranose 'C8 H17 N O3'
HIB non-polymer '4-HYDROXY-5-IODO-2,3-DIMETHOXY-6-METHYLBENZOIC ACID' 'C10 H11 I O5'
MRP L-saccharide, alpha linking 3-O-methyl-alpha-L-rhamnopyranose 'C7 H14 O5'
MTC non-polymer '[1,8-DIHYDROXY-11-OXO-13-(2-METHYLTRITHIO-ETHYLIDENE)-BICYCLO[7.3.1]TRIDECA-4,9-DIENE-2,6-DIYN-10-YL]-CARBAMIC ACID METHYL ESTER' 'C18 H17 N O4 S3'
#
# COMPACT_ATOMS: atom_id res chain seq x y z
C1 DAG B . -4.76 0.44 -0.08
C2 DAG B . -4.67 -0.07 1.37
C3 DAG B . -3.33 -0.79 1.65
C4 DAG B . -2.97 -1.79 0.52
C5 DAG B . -3.05 -1.08 -0.85
C6 DAG B . -2.75 -2.03 -2.01
O1 DAG B . -6.08 0.88 -0.41
O2 DAG B . -4.80 1.04 2.25
O3 DAG B . -3.33 -1.47 2.90
N4 DAG B . -1.70 -2.47 0.80
O5 DAG B . -4.37 -0.59 -0.99
H1 DAG B . -4.10 1.29 -0.17
H2 DAG B . -5.49 -0.79 1.54
H3 DAG B . -2.56 -0.02 1.66
H4 DAG B . -3.75 -2.56 0.53
H5 DAG B . -2.34 -0.25 -0.88
H61 DAG B . -3.39 -2.91 -1.99
H62 DAG B . -2.89 -1.53 -2.97
H63 DAG B . -1.72 -2.38 -1.97
HO3 DAG B . -2.43 -1.78 3.10
HN41 DAG B . -1.81 -3.00 1.66
C1 EMP B . -5.65 0.86 3.35
C2 EMP B . -5.28 1.90 4.40
C3 EMP B . -5.63 3.32 3.91
C4 EMP B . -7.09 3.42 3.42
C5 EMP B . -7.30 2.33 2.35
C6 EMP B . -8.68 5.17 2.45
C7 EMP B . -8.79 4.88 0.95
C8 EMP B . -4.22 4.92 4.99
O3 EMP B . -5.47 4.26 4.94
N4 EMP B . -7.37 4.82 3.03
O5 EMP B . -6.99 1.07 2.90
H1 EMP B . -5.55 -0.18 3.72
H2 EMP B . -4.21 1.85 4.61
H22 EMP B . -5.74 1.68 5.37
H3 EMP B . -4.97 3.56 3.06
H4 EMP B . -7.74 3.19 4.24
H51 EMP B . -8.35 2.30 2.03
H52 EMP B . -6.69 2.51 1.47
H61 EMP B . -9.50 4.72 3.01
H62 EMP B . -8.81 6.25 2.60
H71 EMP B . -9.58 5.49 0.49
H72 EMP B . -7.87 5.12 0.42
H73 EMP B . -9.05 3.84 0.73
H81 EMP B . -3.40 4.21 5.17
H82 EMP B . -4.01 5.47 4.07
H83 EMP B . -4.22 5.64 5.81
HN4 EMP B . -6.61 5.18 2.43
HN42 EMP B . -7.26 5.38 3.91
C1 DSR C . 0.53 -1.76 0.18
C2 DSR C . 1.29 -0.46 -0.14
C3 DSR C . 2.66 -0.80 -0.71
C4 DSR C . 3.42 -1.82 0.18
C5 DSR C . 2.52 -3.04 0.42
C6 DSR C . 3.15 -4.07 1.36
O1 DSR C . -0.60 -1.46 0.97
O3 DSR C . 2.34 -1.40 -1.95
O5 DSR C . 1.32 -2.59 1.01
S4 DSR C . 5.07 -2.23 -0.49
H1 DSR C . 0.26 -2.32 -0.73
H2 DSR C . 0.75 0.19 -0.84
H22 DSR C . 1.41 0.17 0.73
H3 DSR C . 3.21 0.14 -0.80
H4 DSR C . 3.59 -1.34 1.13
H5 DSR C . 2.28 -3.54 -0.53
H61 DSR C . 2.45 -4.87 1.61
H62 DSR C . 4.04 -4.52 0.93
H63 DSR C . 3.44 -3.59 2.30
HO3 DSR C . 3.01 -1.25 -2.61
C1 HIB D . 9.76 -1.53 0.70
C2 HIB D . 10.37 -2.87 0.67
C3 HIB D . 9.59 -3.99 0.73
C4 HIB D . 8.10 -3.84 0.84
C5 HIB D . 7.55 -2.60 0.87
C6 HIB D . 8.40 -1.39 0.79
C7 HIB D . 6.06 -2.47 0.97
C8 HIB D . 7.71 -0.04 0.82
C9 HIB D . 10.80 -5.58 1.92
CX HIB D . 7.58 -6.14 0.38
O3 HIB D . 10.15 -5.23 0.72
O4 HIB D . 7.22 -4.88 0.92
O7 HIB D . 5.59 -2.46 2.10
I1 HIB D . 11.06 0.12 0.59
H81 HIB D . 7.07 0.09 -0.06
H82 HIB D . 7.08 0.05 1.71
H83 HIB D . 8.39 0.81 0.85
H91 HIB D . 11.51 -4.82 2.24
H92 HIB D . 10.09 -5.73 2.72
H93 HIB D . 11.37 -6.51 1.79
HX1 HIB D . 8.27 -6.66 1.03
HX2 HIB D . 6.69 -6.76 0.29
HX3 HIB D . 8.00 -6.03 -0.62
C1 MRP E . 12.42 -3.65 -0.39
C2 MRP E . 13.38 -2.72 -1.20
C3 MRP E . 14.43 -2.14 -0.21
C4 MRP E . 15.16 -3.28 0.54
C5 MRP E . 14.11 -4.21 1.21
C6 MRP E . 14.73 -5.47 1.82
C7 MRP E . 15.34 0.08 -0.52
O1 MRP E . 11.74 -2.88 0.58
O2 MRP E . 14.05 -3.34 -2.30
O3 MRP E . 15.37 -1.30 -0.87
O4 MRP E . 16.09 -2.79 1.51
O5 MRP E . 13.16 -4.66 0.27
H1 MRP E . 11.72 -4.13 -1.07
H2 MRP E . 12.80 -1.85 -1.53
H3 MRP E . 13.86 -1.57 0.53
H4 MRP E . 15.70 -3.89 -0.20
H5 MRP E . 13.60 -3.67 2.00
H61 MRP E . 15.26 -6.06 1.06
H62 MRP E . 15.44 -5.22 2.61
H63 MRP E . 13.95 -6.11 2.24
H71 MRP E . 14.38 0.53 -0.76
H72 MRP E . 15.54 0.23 0.54
H73 MRP E . 16.11 0.62 -1.07
HO2 MRP E . 13.46 -3.39 -3.06
HO4 MRP E . 16.67 -2.16 1.10
C1 MTC F . -6.34 1.95 -1.32
C2 MTC F . -5.14 2.20 -2.12
C3 MTC F . -4.28 1.96 -2.90
C4 MTC F . -3.43 1.36 -3.87
C5 MTC F . -3.83 0.32 -4.65
C6 MTC F . -5.20 -0.18 -4.67
C7 MTC F . -6.38 -0.33 -4.56
C8 MTC F . -7.80 -0.22 -4.13
C9 MTC F . -8.61 0.74 -4.99
C10 MTC F . -8.36 2.19 -4.68
C11 MTC F . -7.73 2.61 -3.37
C12 MTC F . -7.29 1.66 -2.48
C13 MTC F . -7.73 0.23 -2.68
C14 MTC F . -8.12 -0.71 -1.60
C15 MTC F . -8.39 -0.28 -0.20
C16 MTC F . -12.86 3.14 0.81
C17 MTC F . -8.01 5.18 -3.53
C18 MTC F . -8.18 7.51 -3.39
O8 MTC F . -8.36 -1.48 -4.31
O10 MTC F . -8.76 2.99 -5.50
O71 MTC F . -8.64 5.28 -4.54
O72 MTC F . -7.71 6.26 -2.83
N11 MTC F . -7.60 4.05 -2.94
S1 MTC F . -10.14 -0.64 0.11
S2 MTC F . -10.70 1.08 1.02
S3 MTC F . -12.42 1.54 0.07
H11A MTC F . -6.53 2.88 -0.78
H4 MTC F . -2.43 1.75 -3.93
H5 MTC F . -3.07 -0.11 -5.25
H91 MTC F . -9.67 0.59 -4.85
H92 MTC F . -8.43 0.61 -6.05
H14 MTC F . -8.39 -1.72 -1.80
H151 MTC F . -8.29 0.79 -0.08
H152 MTC F . -7.73 -0.80 0.50
H161 MTC F . -12.04 3.85 0.70
H162 MTC F . -13.74 3.56 0.32
H163 MTC F . -13.08 3.04 1.86
H181 MTC F . -9.27 7.60 -3.25
H182 MTC F . -7.71 8.36 -2.87
H183 MTC F . -7.95 7.61 -4.45
HO8 MTC F . -7.85 -1.85 -5.03
H11 MTC F . -7.14 4.30 -2.10
C1 DAG B . -5.17 0.51 -0.25
C2 DAG B . -5.07 0.05 1.22
C3 DAG B . -3.73 -0.66 1.56
C4 DAG B . -3.24 -1.59 0.43
C5 DAG B . -3.26 -0.83 -0.90
C6 DAG B . -2.77 -1.67 -2.08
O1 DAG B . -6.53 0.76 -0.61
O2 DAG B . -5.21 1.18 2.06
O3 DAG B . -3.93 -1.41 2.76
N4 DAG B . -1.95 -2.21 0.78
O5 DAG B . -4.62 -0.47 -1.13
H1 DAG B . -4.64 1.45 -0.33
H2 DAG B . -5.88 -0.68 1.37
H3 DAG B . -2.97 0.11 1.74
H4 DAG B . -3.98 -2.39 0.38
H5 DAG B . -2.63 0.07 -0.85
H61 DAG B . -1.73 -1.96 -1.96
H62 DAG B . -3.35 -2.59 -2.22
H63 DAG B . -2.82 -1.11 -3.01
HO3 DAG B . -3.13 -1.88 3.03
HN41 DAG B . -1.69 -3.00 0.18
C1 EMP B . -6.01 1.00 3.20
C2 EMP B . -5.52 1.99 4.27
C3 EMP B . -5.90 3.44 3.93
C4 EMP B . -7.37 3.56 3.50
C5 EMP B . -7.61 2.60 2.33
C6 EMP B . -9.05 5.34 2.70
C7 EMP B . -9.02 5.48 1.18
C8 EMP B . -4.37 4.73 5.28
O3 EMP B . -5.69 4.25 5.06
N4 EMP B . -7.74 4.97 3.28
O5 EMP B . -7.35 1.29 2.81
H1 EMP B . -5.96 -0.04 3.53
H2 EMP B . -4.43 1.91 4.36
H22 EMP B . -5.89 1.71 5.26
H3 EMP B . -5.26 3.79 3.11
H4 EMP B . -8.00 3.20 4.31
H51 EMP B . -8.64 2.64 2.02
H52 EMP B . -7.00 2.83 1.44
H61 EMP B . -9.82 4.64 3.04
H62 EMP B . -9.34 6.31 3.12
H71 EMP B . -8.69 4.56 0.69
H72 EMP B . -10.02 5.71 0.80
H73 EMP B . -8.37 6.27 0.85
H81 EMP B . -3.67 3.90 5.38
H82 EMP B . -4.05 5.38 4.47
H83 EMP B . -4.33 5.31 6.21
HN4 EMP B . -6.98 5.46 2.74
HN42 EMP B . -7.66 5.45 4.23
C1 DSR C . 0.34 -1.53 0.16
C2 DSR C . 1.09 -0.23 -0.19
C3 DSR C . 2.41 -0.58 -0.86
C4 DSR C . 3.24 -1.57 -0.01
C5 DSR C . 2.36 -2.78 0.36
C6 DSR C . 3.03 -3.71 1.36
O1 DSR C . -0.83 -1.22 0.91
O3 DSR C . 2.01 -1.17 -2.08
O5 DSR C . 1.18 -2.31 0.98
S4 DSR C . 4.89 -1.97 -0.72
H1 DSR C . 0.09 -2.11 -0.74
H2 DSR C . 0.51 0.43 -0.82
H22 DSR C . 1.29 0.35 0.71
H3 DSR C . 2.96 0.36 -0.99
H4 DSR C . 3.43 -1.02 0.91
H5 DSR C . 2.09 -3.33 -0.53
H61 DSR C . 3.30 -3.16 2.28
H62 DSR C . 2.36 -4.51 1.66
H63 DSR C . 3.94 -4.16 0.97
HO3 DSR C . 2.72 -1.13 -2.74
C1 HIB D . 9.66 -1.19 0.49
C2 HIB D . 10.25 -2.54 0.61
C3 HIB D . 9.43 -3.61 0.76
C4 HIB D . 7.96 -3.42 0.81
C5 HIB D . 7.41 -2.19 0.69
C6 HIB D . 8.31 -1.02 0.53
C7 HIB D . 5.91 -2.03 0.74
C8 HIB D . 7.63 0.33 0.41
C9 HIB D . 10.67 -5.13 2.04
CX HIB D . 6.80 -5.16 -0.23
O3 HIB D . 9.86 -4.90 0.90
O4 HIB D . 7.16 -4.50 0.95
O7 HIB D . 5.45 -1.92 1.86
I1 HIB D . 10.96 0.43 0.27
H81 HIB D . 7.00 0.49 1.28
H82 HIB D . 8.33 1.15 0.37
H83 HIB D . 7.02 0.37 -0.49
H91 HIB D . 10.70 -6.20 2.24
H92 HIB D . 10.26 -4.64 2.93
H93 HIB D . 11.69 -4.78 1.89
HX1 HIB D . 7.66 -5.44 -0.83
HX2 HIB D . 6.24 -6.06 0.03
HX3 HIB D . 6.13 -4.53 -0.82
C1 MRP E . 12.26 -3.19 -0.58
C2 MRP E . 13.10 -2.08 -1.27
C3 MRP E . 14.13 -1.55 -0.23
C4 MRP E . 15.02 -2.72 0.29
C5 MRP E . 14.13 -3.90 0.77
C6 MRP E . 14.93 -5.19 1.02
C7 MRP E . 14.74 0.81 -0.26
O1 MRP E . 11.63 -2.65 0.58
O2 MRP E . 13.77 -2.49 -2.48
O3 MRP E . 14.94 -0.50 -0.76
O4 MRP E . 15.91 -2.32 1.33
O5 MRP E . 13.13 -4.24 -0.18
H1 MRP E . 11.53 -3.60 -1.26
H2 MRP E . 12.47 -1.22 -1.48
H3 MRP E . 13.56 -1.18 0.62
H4 MRP E . 15.61 -3.09 -0.56
H5 MRP E . 13.63 -3.62 1.69
H61 MRP E . 14.28 -6.00 1.33
H62 MRP E . 15.45 -5.52 0.12
H63 MRP E . 15.67 -5.04 1.80
H71 MRP E . 14.95 0.87 0.81
H72 MRP E . 15.41 1.50 -0.76
H73 MRP E . 13.72 1.16 -0.43
HO2 MRP E . 13.13 -2.60 -3.21
HO4 MRP E . 16.27 -1.44 1.15
C1 MTC F . -6.95 1.68 -1.64
C2 MTC F . -5.76 2.29 -2.24
C3 MTC F . -4.78 2.21 -2.91
C4 MTC F . -3.78 1.75 -3.82
C5 MTC F . -3.92 0.60 -4.55
C6 MTC F . -5.07 -0.29 -4.49
C7 MTC F . -6.12 -0.86 -4.37
C8 MTC F . -7.52 -1.19 -4.04
C9 MTC F . -8.49 -0.73 -5.11
C10 MTC F . -8.46 0.78 -5.23
C11 MTC F . -7.96 1.63 -4.05
C12 MTC F . -7.63 1.01 -2.85
C13 MTC F . -7.84 -0.47 -2.76
C14 MTC F . -8.28 -1.23 -1.55
C15 MTC F . -8.79 -0.61 -0.29
C16 MTC F . -11.46 1.94 -0.55
C17 MTC F . -8.03 3.97 -5.20
C18 MTC F . -7.92 6.25 -5.86
O8 MTC F . -7.53 -2.59 -3.97
O10 MTC F . -8.77 1.25 -6.31
O71 MTC F . -8.35 3.70 -6.31
O72 MTC F . -7.81 5.22 -4.85
N11 MTC F . -7.84 3.12 -4.17
S1 MTC F . -10.51 -1.17 -0.08
S2 MTC F . -11.12 -0.20 1.61
S3 MTC F . -10.94 1.78 1.19
H11A MTC F . -7.53 2.44 -1.15
H4 MTC F . -2.89 2.33 -3.97
H5 MTC F . -3.10 0.36 -5.20
H91 MTC F . -9.51 -1.03 -4.88
H92 MTC F . -8.26 -1.14 -6.07
H14 MTC F . -8.38 -2.28 -1.60
H151 MTC F . -8.81 0.48 -0.35
H152 MTC F . -8.17 -0.92 0.55
H161 MTC F . -11.76 2.96 -0.77
H162 MTC F . -10.64 1.68 -1.21
H163 MTC F . -12.31 1.28 -0.77
H181 MTC F . -7.87 5.86 -6.88
H182 MTC F . -8.84 6.82 -5.73
H183 MTC F . -7.08 6.95 -5.74
HO8 MTC F . -6.78 -2.85 -4.53
H11 MTC F . -7.48 3.66 -3.42
C1 DAG B . -4.82 0.60 0.17
C2 DAG B . -4.79 0.12 1.63
C3 DAG B . -3.45 -0.59 1.94
C4 DAG B . -3.06 -1.61 0.85
C5 DAG B . -3.22 -1.00 -0.55
C6 DAG B . -3.03 -2.02 -1.68
O1 DAG B . -6.08 1.13 -0.19
O2 DAG B . -4.92 1.27 2.48
O3 DAG B . -3.54 -1.24 3.22
N4 DAG B . -1.71 -2.15 1.10
O5 DAG B . -4.53 -0.50 -0.67
H1 DAG B . -4.08 1.38 0.07
H2 DAG B . -5.61 -0.58 1.80
H3 DAG B . -2.67 0.18 1.92
H4 DAG B . -3.78 -2.42 0.95
H5 DAG B . -2.50 -0.19 -0.70
H61 DAG B . -2.02 -2.43 -1.68
H62 DAG B . -3.74 -2.84 -1.59
H63 DAG B . -3.20 -1.54 -2.65
HO3 DAG B . -2.82 -0.95 3.80
HN41 DAG B . -1.48 -2.98 0.58
C1 EMP B . -5.74 1.11 3.60
C2 EMP B . -5.35 2.22 4.58
C3 EMP B . -5.73 3.59 3.98
C4 EMP B . -7.21 3.64 3.53
C5 EMP B . -7.43 2.47 2.55
C6 EMP B . -8.81 5.25 2.29
C7 EMP B . -8.66 5.03 0.78
C8 EMP B . -4.18 5.14 4.95
O3 EMP B . -5.49 4.61 4.94
N4 EMP B . -7.56 5.00 3.04
O5 EMP B . -7.09 1.26 3.21
H1 EMP B . -5.61 0.09 3.99
H2 EMP B . -4.28 2.18 4.75
H22 EMP B . -5.80 2.05 5.56
H3 EMP B . -5.11 3.78 3.10
H4 EMP B . -7.84 3.44 4.38
H51 EMP B . -8.49 2.42 2.25
H52 EMP B . -6.85 2.60 1.64
H61 EMP B . -9.63 4.67 2.71
H62 EMP B . -9.07 6.29 2.45
H71 EMP B . -8.49 3.98 0.52
H72 EMP B . -9.56 5.33 0.25
H73 EMP B . -7.83 5.61 0.37
H81 EMP B . -4.10 5.91 5.72
H82 EMP B . -3.44 4.37 5.17
H83 EMP B . -3.94 5.61 3.99
HN4 EMP B . -6.76 5.38 2.49
HN42 EMP B . -7.58 5.64 3.89
C1 DSR C . 0.49 -1.44 0.25
C2 DSR C . 1.25 -0.16 -0.15
C3 DSR C . 2.54 -0.53 -0.86
C4 DSR C . 3.38 -1.49 0.00
C5 DSR C . 2.51 -2.69 0.45
C6 DSR C . 3.22 -3.57 1.48
O1 DSR C . -0.64 -1.09 1.02
O3 DSR C . 2.10 -1.12 -2.07
O5 DSR C . 1.35 -2.19 1.09
S4 DSR C . 5.01 -1.92 -0.74
H1 DSR C . 0.21 -2.04 -0.62
H2 DSR C . 0.65 0.51 -0.77
H22 DSR C . 1.50 0.44 0.73
H3 DSR C . 3.09 0.40 -1.02
H4 DSR C . 3.61 -0.92 0.89
H5 DSR C . 2.21 -3.27 -0.43
H61 DSR C . 4.12 -4.03 1.07
H62 DSR C . 3.50 -2.99 2.36
H63 DSR C . 2.56 -4.35 1.82
HO3 DSR C . 2.82 -1.14 -2.72
C1 HIB D . 9.76 -1.14 0.61
C2 HIB D . 10.38 -2.47 0.63
C3 HIB D . 9.59 -3.57 0.68
C4 HIB D . 8.10 -3.43 0.72
C5 HIB D . 7.54 -2.21 0.69
C6 HIB D . 8.41 -1.00 0.63
C7 HIB D . 6.04 -2.03 0.72
C8 HIB D . 7.72 0.35 0.61
C9 HIB D . 10.95 -5.08 1.89
CX HIB D . 7.49 -5.52 -0.18
O3 HIB D . 10.16 -4.83 0.73
O4 HIB D . 7.27 -4.48 0.76
O7 HIB D . 5.54 -1.93 1.84
I1 HIB D . 11.04 0.53 0.54
H81 HIB D . 8.39 1.19 0.67
H82 HIB D . 7.15 0.44 -0.30
H83 HIB D . 7.04 0.44 1.47
H91 HIB D . 11.58 -5.96 1.72
H92 HIB D . 11.62 -4.27 2.14
H93 HIB D . 10.33 -5.26 2.76
HX1 HIB D . 8.31 -6.16 0.11
HX2 HIB D . 6.59 -6.14 -0.28
HX3 HIB D . 7.70 -5.12 -1.17
C1 MRP E . 12.46 -3.05 -0.50
C2 MRP E . 13.24 -1.86 -1.16
C3 MRP E . 14.22 -1.31 -0.09
C4 MRP E . 15.21 -2.44 0.30
C5 MRP E . 14.37 -3.62 0.89
C6 MRP E . 15.19 -4.87 1.22
C7 MRP E . 14.81 1.01 0.34
O1 MRP E . 11.75 -2.53 0.61
O2 MRP E . 13.95 -2.12 -2.38
O3 MRP E . 14.84 -0.10 -0.54
O4 MRP E . 16.23 -1.96 1.19
O5 MRP E . 13.38 -4.03 -0.04
H1 MRP E . 11.78 -3.51 -1.21
H2 MRP E . 12.51 -1.09 -1.34
H3 MRP E . 13.62 -1.07 0.79
H4 MRP E . 15.67 -2.78 -0.64
H5 MRP E . 13.86 -3.28 1.79
H61 MRP E . 15.77 -5.20 0.37
H62 MRP E . 15.86 -4.72 2.06
H63 MRP E . 14.53 -5.69 1.50
H71 MRP E . 13.79 1.32 0.58
H72 MRP E . 15.31 0.78 1.29
H73 MRP E . 15.31 1.87 -0.11
HO2 MRP E . 13.35 -2.47 -3.06
HO4 MRP E . 16.94 -2.61 1.23
C1 MTC F . -6.20 2.20 -1.15
C2 MTC F . -4.97 2.31 -1.95
C3 MTC F . -4.10 2.04 -2.71
C4 MTC F . -3.24 1.49 -3.73
C5 MTC F . -3.72 0.63 -4.66
C6 MTC F . -5.11 0.27 -4.75
C7 MTC F . -6.30 0.24 -4.65
C8 MTC F . -7.71 0.36 -4.21
C9 MTC F . -8.46 1.45 -4.96
C10 MTC F . -8.17 2.86 -4.47
C11 MTC F . -7.55 3.08 -3.10
C12 MTC F . -7.16 2.01 -2.35
C13 MTC F . -7.61 0.62 -2.71
C14 MTC F . -7.98 -0.47 -1.76
C15 MTC F . -8.28 -0.26 -0.31
C16 MTC F . -10.85 2.02 -0.81
C17 MTC F . -7.73 5.67 -2.82
C18 MTC F . -7.68 7.94 -2.07
O8 MTC F . -8.28 -0.89 -4.54
O10 MTC F . -8.53 3.79 -5.15
O71 MTC F . -8.25 6.02 -3.83
O72 MTC F . -7.41 6.54 -1.89
N11 MTC F . -7.41 4.43 -2.46
S1 MTC F . -10.00 -0.79 -0.04
S2 MTC F . -10.56 0.17 1.66
S3 MTC F . -11.08 2.02 1.00
H11A MTC F . -6.27 3.13 -0.63
H4 MTC F . -2.21 1.76 -3.73
H5 MTC F . -3.02 0.22 -5.36
H91 MTC F . -9.53 1.32 -4.80
H92 MTC F . -8.27 1.41 -6.03
H14 MTC F . -8.25 -1.45 -2.06
H151 MTC F . -8.25 0.79 -0.03
H152 MTC F . -7.57 -0.84 0.29
H161 MTC F . -9.79 1.96 -1.06
H162 MTC F . -11.37 1.19 -1.26
H163 MTC F . -11.24 2.94 -1.24
H181 MTC F . -8.44 8.26 -1.36
H182 MTC F . -6.77 8.50 -1.84
H183 MTC F . -8.00 8.20 -3.08
HO8 MTC F . -7.51 -1.45 -4.49
H11 MTC F . -6.98 4.55 -1.56
C1 DAG B . -4.95 0.77 -0.12
C2 DAG B . -4.93 0.21 1.33
C3 DAG B . -3.62 -0.54 1.66
C4 DAG B . -3.17 -1.47 0.51
C5 DAG B . -3.14 -0.68 -0.80
C6 DAG B . -2.74 -1.52 -2.02
O1 DAG B . -6.26 1.12 -0.52
O2 DAG B . -5.11 1.27 2.26
O3 DAG B . -3.78 -1.29 2.88
N4 DAG B . -1.92 -2.17 0.86
O5 DAG B . -4.46 -0.20 -1.03
H1 DAG B . -4.33 1.65 -0.15
H2 DAG B . -5.74 -0.52 1.40
H3 DAG B . -2.81 0.19 1.74
H4 DAG B . -3.95 -2.23 0.41
H5 DAG B . -2.45 0.16 -0.74
H61 DAG B . -3.35 -2.43 -2.09
H62 DAG B . -2.87 -0.96 -2.94
H63 DAG B . -1.71 -1.84 -1.97
HO3 DAG B . -3.35 -0.85 3.62
HN41 DAG B . -2.06 -2.59 1.76
C1 EMP B . -6.13 1.11 3.22
C2 EMP B . -5.71 1.88 4.47
C3 EMP B . -5.79 3.41 4.27
C4 EMP B . -7.14 3.84 3.65
C5 EMP B . -7.35 3.03 2.36
C6 EMP B . -8.45 5.98 3.09
C7 EMP B . -8.28 7.51 3.02
C8 EMP B . -4.31 4.24 5.97
O3 EMP B . -5.64 4.04 5.52
N4 EMP B . -7.19 5.32 3.50
O5 EMP B . -7.33 1.65 2.70
H1 EMP B . -6.27 0.05 3.44
H2 EMP B . -4.69 1.60 4.76
H22 EMP B . -6.30 1.56 5.34
H3 EMP B . -4.99 3.73 3.59
H4 EMP B . -7.92 3.55 4.36
H51 EMP B . -8.32 3.27 1.91
H52 EMP B . -6.60 3.25 1.61
H61 EMP B . -8.74 5.63 2.10
H62 EMP B . -9.25 5.77 3.78
H71 EMP B . -9.21 7.99 2.70
H72 EMP B . -8.02 7.93 4.00
H73 EMP B . -7.49 7.80 2.32
H81 EMP B . -3.80 4.96 5.35
H82 EMP B . -4.30 4.61 6.99
H83 EMP B . -3.75 3.30 5.97
HN4 EMP B . -6.43 5.63 2.84
HN42 EMP B . -6.90 5.75 4.42
C1 DSR C . 0.37 -1.58 0.19
C2 DSR C . 1.14 -0.32 -0.23
C3 DSR C . 2.44 -0.71 -0.90
C4 DSR C . 3.25 -1.70 -0.06
C5 DSR C . 2.36 -2.89 0.38
C6 DSR C . 3.04 -3.83 1.38
O1 DSR C . -0.77 -1.22 0.97
O3 DSR C . 2.02 -1.26 -2.14
O5 DSR C . 1.21 -2.37 1.03
S4 DSR C . 4.90 -2.15 -0.75
H1 DSR C . 0.10 -2.19 -0.68
H2 DSR C . 0.55 0.31 -0.88
H22 DSR C . 1.37 0.30 0.63
H3 DSR C . 2.97 0.22 -1.02
H4 DSR C . 3.46 -1.13 0.84
H5 DSR C . 2.03 -3.44 -0.51
H61 DSR C . 3.32 -3.28 2.29
H62 DSR C . 2.37 -4.63 1.68
H63 DSR C . 3.94 -4.27 0.97
HO3 DSR C . 2.78 -1.39 -2.73
C1 HIB D . 9.66 -1.41 0.67
C2 HIB D . 10.24 -2.77 0.82
C3 HIB D . 9.39 -3.83 0.93
C4 HIB D . 7.91 -3.62 0.89
C5 HIB D . 7.39 -2.38 0.76
C6 HIB D . 8.31 -1.22 0.65
C7 HIB D . 5.89 -2.17 0.73
C8 HIB D . 7.68 0.14 0.49
C9 HIB D . 10.53 -5.35 2.31
CX HIB D . 6.92 -5.39 -0.20
O3 HIB D . 9.85 -5.12 1.08
O4 HIB D . 7.07 -4.66 1.01
O7 HIB D . 5.37 -1.99 1.83
I1 HIB D . 11.01 0.18 0.51
H81 HIB D . 8.38 0.97 0.46
H82 HIB D . 7.10 0.17 -0.43
H83 HIB D . 7.00 0.34 1.33
H91 HIB D . 9.86 -5.14 3.15
H92 HIB D . 11.41 -4.74 2.40
H93 HIB D . 10.83 -6.39 2.37
HX1 HIB D . 6.19 -6.19 -0.08
HX2 HIB D . 6.53 -4.74 -0.99
HX3 HIB D . 7.87 -5.82 -0.52
C1 MRP E . 12.33 -3.47 -0.21
C2 MRP E . 13.21 -2.40 -0.94
C3 MRP E . 14.22 -1.82 0.08
C4 MRP E . 15.09 -2.96 0.66
C5 MRP E . 14.17 -4.06 1.27
C6 MRP E . 14.94 -5.33 1.64
C7 MRP E . 14.90 0.52 0.01
O1 MRP E . 11.62 -2.86 0.85
O2 MRP E . 13.92 -2.93 -2.09
O3 MRP E . 15.04 -0.80 -0.49
O4 MRP E . 16.03 -2.49 1.64
O5 MRP E . 13.18 -4.48 0.34
H1 MRP E . 11.64 -3.94 -0.91
H2 MRP E . 12.58 -1.56 -1.24
H3 MRP E . 13.63 -1.41 0.89
H4 MRP E . 15.64 -3.42 -0.16
H5 MRP E . 13.66 -3.66 2.14
H61 MRP E . 15.35 -5.81 0.76
H62 MRP E . 15.77 -5.12 2.31
H63 MRP E . 14.28 -6.04 2.13
H71 MRP E . 15.62 1.18 -0.46
H72 MRP E . 13.90 0.92 -0.18
H73 MRP E . 15.09 0.57 1.09
HO2 MRP E . 13.35 -2.99 -2.86
HO4 MRP E . 16.45 -1.69 1.29
C1 MTC F . -6.53 2.21 -1.40
C2 MTC F . -5.30 2.49 -2.18
C3 MTC F . -4.43 2.30 -2.96
C4 MTC F . -3.64 1.79 -4.06
C5 MTC F . -4.17 0.95 -4.99
C6 MTC F . -5.54 0.50 -4.96
C7 MTC F . -6.71 0.28 -4.79
C8 MTC F . -8.09 0.19 -4.31
C9 MTC F . -9.00 1.16 -5.05
C10 MTC F . -8.73 2.60 -4.67
C11 MTC F . -7.93 2.93 -3.41
C12 MTC F . -7.49 1.93 -2.58
C13 MTC F . -7.95 0.52 -2.83
C14 MTC F . -8.24 -0.55 -1.83
C15 MTC F . -8.37 -0.37 -0.36
C16 MTC F . -10.30 2.79 -1.18
C17 MTC F . -8.00 5.53 -3.55
C18 MTC F . -7.89 7.88 -3.36
O8 MTC F . -8.50 -1.12 -4.58
O10 MTC F . -9.15 3.44 -5.44
O71 MTC F . -8.67 5.70 -4.52
O72 MTC F . -7.55 6.56 -2.87
N11 MTC F . -7.65 4.36 -3.00
S1 MTC F . -9.89 -1.20 0.22
S2 MTC F . -11.34 0.02 -0.48
S3 MTC F . -10.78 1.81 0.27
H11A MTC F . -6.73 3.11 -0.82
H4 MTC F . -2.62 2.09 -4.14
H5 MTC F . -3.57 0.60 -5.80
H91 MTC F . -10.06 0.99 -4.85
H92 MTC F . -8.88 1.07 -6.13
H14 MTC F . -8.54 -1.53 -2.13
H151 MTC F . -8.46 0.68 -0.10
H152 MTC F . -7.52 -0.82 0.12
H161 MTC F . -9.40 3.37 -0.96
H162 MTC F . -10.10 2.14 -2.03
H163 MTC F . -11.09 3.50 -1.45
H181 MTC F . -8.89 8.15 -3.02
H182 MTC F . -7.19 8.62 -2.97
H183 MTC F . -7.86 7.94 -4.45
HO8 MTC F . -7.72 -1.52 -5.00
H11 MTC F . -7.11 4.56 -2.19
C1 DAG B . -5.04 0.57 -0.15
C2 DAG B . -5.09 -0.06 1.25
C3 DAG B . -3.77 -0.82 1.59
C4 DAG B . -3.27 -1.69 0.43
C5 DAG B . -3.20 -0.84 -0.84
C6 DAG B . -2.75 -1.62 -2.08
O1 DAG B . -6.34 0.96 -0.60
O2 DAG B . -5.25 0.98 2.21
O3 DAG B . -3.98 -1.64 2.74
N4 DAG B . -2.02 -2.41 0.76
O5 DAG B . -4.51 -0.36 -1.09
H1 DAG B . -4.43 1.45 -0.10
H2 DAG B . -5.91 -0.79 1.27
H3 DAG B . -3.01 -0.05 1.77
H4 DAG B . -4.04 -2.45 0.28
H5 DAG B . -2.51 0.01 -0.70
H61 DAG B . -2.80 -1.01 -2.97
H62 DAG B . -3.38 -2.50 -2.26
H63 DAG B . -1.73 -1.99 -1.99
HO3 DAG B . -3.18 -1.71 3.26
HN41 DAG B . -2.20 -2.98 1.57
C1 EMP B . -6.23 0.74 3.20
C2 EMP B . -5.81 1.51 4.46
C3 EMP B . -5.92 3.03 4.24
C4 EMP B . -7.28 3.44 3.62
C5 EMP B . -7.53 2.60 2.35
C6 EMP B . -8.64 5.54 3.03
C7 EMP B . -8.52 7.07 2.98
C8 EMP B . -4.45 3.81 5.99
O3 EMP B . -5.77 3.68 5.50
N4 EMP B . -7.36 4.90 3.41
O5 EMP B . -7.46 1.23 2.69
H1 EMP B . -6.31 -0.33 3.40
H2 EMP B . -4.78 1.24 4.71
H22 EMP B . -6.38 1.19 5.32
H3 EMP B . -5.12 3.36 3.57
H4 EMP B . -8.04 3.15 4.35
H51 EMP B . -8.52 2.80 1.95
H52 EMP B . -6.81 2.83 1.57
H61 EMP B . -8.97 5.16 2.06
H62 EMP B . -9.42 5.30 3.76
H71 EMP B . -9.47 7.52 2.69
H72 EMP B . -8.24 7.48 3.95
H73 EMP B . -7.77 7.38 2.25
H81 EMP B . -4.45 4.37 6.93
H82 EMP B . -4.00 2.84 6.18
H83 EMP B . -3.82 4.36 5.28
HN4 EMP B . -6.63 5.20 2.72
HN42 EMP B . -7.05 5.36 4.31
C1 DSR C . 0.28 -1.71 0.29
C2 DSR C . 0.98 -0.37 0.03
C3 DSR C . 2.33 -0.64 -0.62
C4 DSR C . 3.19 -1.67 0.15
C5 DSR C . 2.33 -2.93 0.42
C6 DSR C . 3.02 -3.93 1.33
O1 DSR C . -0.89 -1.49 1.07
O3 DSR C . 1.98 -1.10 -1.91
O5 DSR C . 1.15 -2.50 1.07
S4 DSR C . 4.82 -1.94 -0.65
H1 DSR C . 0.04 -2.26 -0.63
H2 DSR C . 0.39 0.30 -0.59
H22 DSR C . 1.11 0.17 0.95
H3 DSR C . 2.82 0.34 -0.67
H4 DSR C . 3.39 -1.24 1.13
H5 DSR C . 2.06 -3.40 -0.53
H61 DSR C . 2.34 -4.77 1.55
H62 DSR C . 3.93 -4.34 0.89
H63 DSR C . 3.28 -3.47 2.29
HO3 DSR C . 2.76 -1.20 -2.47
C1 HIB D . 9.63 -1.20 0.47
C2 HIB D . 10.29 -2.51 0.32
C3 HIB D . 9.53 -3.63 0.30
C4 HIB D . 8.05 -3.54 0.43
C5 HIB D . 7.44 -2.34 0.58
C6 HIB D . 8.29 -1.11 0.60
C7 HIB D . 5.94 -2.27 0.71
C8 HIB D . 7.57 0.22 0.76
C9 HIB D . 10.72 -5.32 1.37
CX HIB D . 7.58 -5.70 -0.43
O3 HIB D . 10.11 -4.86 0.18
O4 HIB D . 7.23 -4.62 0.42
O7 HIB D . 5.52 -2.41 1.86
I1 HIB D . 10.89 0.48 0.49
H81 HIB D . 6.89 0.38 -0.06
H82 HIB D . 7.02 0.23 1.69
H83 HIB D . 8.25 1.06 0.79
H91 HIB D . 11.43 -4.58 1.77
H92 HIB D . 9.96 -5.51 2.13
H93 HIB D . 11.27 -6.23 1.18
HX1 HIB D . 8.18 -5.38 -1.28
HX2 HIB D . 8.13 -6.46 0.12
HX3 HIB D . 6.67 -6.12 -0.83
C1 MRP E . 12.37 -3.26 -0.75
C2 MRP E . 13.34 -2.31 -1.51
C3 MRP E . 14.35 -1.74 -0.48
C4 MRP E . 15.10 -2.90 0.23
C5 MRP E . 14.04 -3.82 0.90
C6 MRP E . 14.63 -5.09 1.53
C7 MRP E . 15.09 0.56 -0.68
O1 MRP E . 11.67 -2.48 0.20
O2 MRP E . 14.01 -2.90 -2.64
O3 MRP E . 15.25 -0.80 -1.06
O4 MRP E . 16.08 -2.44 1.18
O5 MRP E . 13.11 -4.27 -0.07
H1 MRP E . 11.69 -3.74 -1.44
H2 MRP E . 12.74 -1.46 -1.84
H3 MRP E . 13.76 -1.23 0.28
H4 MRP E . 15.61 -3.50 -0.53
H5 MRP E . 13.51 -3.26 1.66
H61 MRP E . 13.83 -5.71 1.94
H62 MRP E . 15.16 -5.69 0.79
H63 MRP E . 15.31 -4.86 2.35
H71 MRP E . 15.79 1.20 -1.22
H72 MRP E . 14.08 0.92 -0.88
H73 MRP E . 15.28 0.69 0.38
HO2 MRP E . 13.37 -3.11 -3.34
HO4 MRP E . 16.65 -1.81 0.73
C1 MTC F . -6.54 2.10 -1.45
C2 MTC F . -5.29 2.38 -2.16
C3 MTC F . -4.38 2.18 -2.89
C4 MTC F . -3.50 1.67 -3.91
C5 MTC F . -3.94 0.81 -4.87
C6 MTC F . -5.31 0.36 -4.97
C7 MTC F . -6.51 0.23 -4.92
C8 MTC F . -7.93 0.23 -4.50
C9 MTC F . -8.77 1.23 -5.27
C10 MTC F . -8.53 2.66 -4.84
C11 MTC F . -7.83 2.95 -3.50
C12 MTC F . -7.45 1.91 -2.69
C13 MTC F . -7.90 0.51 -3.01
C14 MTC F . -8.32 -0.54 -2.05
C15 MTC F . -8.65 -0.28 -0.62
C16 MTC F . -10.44 3.09 -1.43
C17 MTC F . -7.90 5.54 -3.48
C18 MTC F . -7.82 7.90 -3.07
O8 MTC F . -8.40 -1.06 -4.81
O10 MTC F . -8.90 3.53 -5.60
O71 MTC F . -8.52 5.77 -4.46
O72 MTC F . -7.50 6.53 -2.70
N11 MTC F . -7.58 4.34 -2.99
S1 MTC F . -10.32 -0.93 -0.27
S2 MTC F . -11.59 0.29 -1.28
S3 MTC F . -11.47 2.07 -0.32
H11A MTC F . -6.76 2.98 -0.84
H4 MTC F . -2.48 1.97 -3.89
H5 MTC F . -3.21 0.48 -5.56
H91 MTC F . -9.83 1.06 -5.12
H92 MTC F . -8.59 1.19 -6.34
H14 MTC F . -8.60 -1.52 -2.35
H151 MTC F . -8.66 0.78 -0.41
H152 MTC F . -7.91 -0.79 0.00
H161 MTC F . -10.61 4.15 -1.25
H162 MTC F . -9.40 2.88 -1.26
H163 MTC F . -10.68 2.87 -2.47
H181 MTC F . -6.97 8.54 -2.88
H182 MTC F . -8.10 8.02 -4.13
H183 MTC F . -8.66 8.27 -2.46
HO8 MTC F . -7.59 -1.56 -4.95
H11 MTC F . -7.08 4.49 -2.14
C1 DAG B . -5.20 0.49 -0.26
C2 DAG B . -5.08 -0.05 1.18
C3 DAG B . -3.79 -0.88 1.47
C4 DAG B . -3.36 -1.73 0.24
C5 DAG B . -3.44 -0.92 -1.07
C6 DAG B . -3.11 -1.78 -2.30
O1 DAG B . -6.53 0.89 -0.54
O2 DAG B . -5.12 1.04 2.09
O3 DAG B . -4.01 -1.73 2.61
N4 DAG B . -2.07 -2.42 0.48
O5 DAG B . -4.79 -0.50 -1.18
H1 DAG B . -4.58 1.37 -0.35
H2 DAG B . -5.91 -0.73 1.34
H3 DAG B . -3.00 -0.18 1.70
H4 DAG B . -4.14 -2.48 0.15
H5 DAG B . -2.77 -0.07 -1.05
H61 DAG B . -3.19 -1.18 -3.20
H62 DAG B . -2.10 -2.18 -2.25
H63 DAG B . -3.82 -2.61 -2.39
HO3 DAG B . -3.27 -2.33 2.70
HN41 DAG B . -2.21 -3.05 1.25
C1 EMP B . -6.04 0.93 3.15
C2 EMP B . -5.57 1.85 4.29
C3 EMP B . -5.82 3.34 3.97
C4 EMP B . -7.26 3.58 3.45
C5 EMP B . -7.46 2.66 2.23
C6 EMP B . -8.79 5.46 2.62
C7 EMP B . -8.62 5.77 1.12
C8 EMP B . -4.25 4.47 5.38
O3 EMP B . -5.59 4.13 5.11
N4 EMP B . -7.54 5.02 3.25
O5 EMP B . -7.31 1.32 2.67
H1 EMP B . -6.09 -0.12 3.45
H2 EMP B . -4.50 1.69 4.46
H22 EMP B . -6.02 1.56 5.25
H3 EMP B . -5.12 3.63 3.18
H4 EMP B . -7.96 3.23 4.20
H51 EMP B . -8.46 2.78 1.81
H52 EMP B . -6.76 2.88 1.41
H61 EMP B . -9.60 4.75 2.79
H62 EMP B . -9.09 6.38 3.11
H71 EMP B . -9.57 6.09 0.68
H72 EMP B . -7.92 6.60 0.99
H73 EMP B . -8.25 4.92 0.56
H81 EMP B . -3.79 4.97 4.52
H82 EMP B . -4.19 5.14 6.23
H83 EMP B . -3.66 3.58 5.60
HN4 EMP B . -6.74 5.47 2.74
HN42 EMP B . -7.50 5.48 4.19
C1 DSR C . 0.25 -1.75 0.03
C2 DSR C . 1.00 -0.43 -0.26
C3 DSR C . 2.37 -0.74 -0.88
C4 DSR C . 3.17 -1.76 -0.06
C5 DSR C . 2.28 -3.00 0.22
C6 DSR C . 2.94 -4.01 1.17
O1 DSR C . -0.93 -1.51 0.81
O3 DSR C . 2.03 -1.24 -2.16
O5 DSR C . 1.08 -2.56 0.84
S4 DSR C . 4.84 -2.13 -0.76
H1 DSR C . 0.01 -2.29 -0.88
H2 DSR C . 0.45 0.25 -0.90
H22 DSR C . 1.16 0.16 0.65
H3 DSR C . 2.90 0.22 -0.92
H4 DSR C . 3.35 -1.28 0.89
H5 DSR C . 2.02 -3.49 -0.71
H61 DSR C . 2.27 -4.86 1.35
H62 DSR C . 3.86 -4.40 0.75
H63 DSR C . 3.17 -3.55 2.13
HO3 DSR C . 2.80 -1.25 -2.74
C1 HIB D . 9.59 -1.40 0.69
C2 HIB D . 10.21 -2.76 0.67
C3 HIB D . 9.41 -3.86 0.66
C4 HIB D . 7.92 -3.71 0.67
C5 HIB D . 7.36 -2.47 0.69
C6 HIB D . 8.25 -1.27 0.70
C7 HIB D . 5.86 -2.31 0.70
C8 HIB D . 7.56 0.09 0.73
C9 HIB D . 10.61 -5.45 1.89
CX HIB D . 7.45 -6.05 0.34
O3 HIB D . 10.00 -5.10 0.66
O4 HIB D . 7.03 -4.74 0.66
O7 HIB D . 5.36 -2.30 1.83
I1 HIB D . 10.90 0.23 0.71
H81 HIB D . 6.90 0.16 1.59
H82 HIB D . 8.25 0.93 0.79
H83 HIB D . 6.98 0.23 -0.17
H91 HIB D . 11.19 -4.63 2.32
H92 HIB D . 9.84 -5.73 2.62
H93 HIB D . 11.28 -6.30 1.76
HX1 HIB D . 6.56 -6.69 0.28
HX2 HIB D . 7.95 -6.08 -0.63
HX3 HIB D . 8.09 -6.47 1.10
C1 MRP E . 12.31 -3.54 -0.30
C2 MRP E . 13.30 -2.60 -1.04
C3 MRP E . 14.27 -1.99 -0.02
C4 MRP E . 15.02 -3.12 0.71
C5 MRP E . 14.01 -4.13 1.31
C6 MRP E . 14.70 -5.42 1.80
C7 MRP E . 15.16 0.27 -0.14
O1 MRP E . 11.58 -2.78 0.67
O2 MRP E . 14.07 -3.29 -2.06
O3 MRP E . 15.17 -1.07 -0.65
O4 MRP E . 15.88 -2.57 1.72
O5 MRP E . 13.05 -4.55 0.35
H1 MRP E . 11.65 -4.00 -1.02
H2 MRP E . 12.74 -1.75 -1.45
H3 MRP E . 13.65 -1.46 0.71
H4 MRP E . 15.61 -3.68 -0.02
H5 MRP E . 13.48 -3.67 2.15
H61 MRP E . 15.39 -5.21 2.62
H62 MRP E . 13.97 -6.14 2.14
H63 MRP E . 15.27 -5.88 1.00
H71 MRP E . 14.16 0.72 -0.21
H72 MRP E . 15.45 0.28 0.92
H73 MRP E . 15.86 0.89 -0.69
HO2 MRP E . 13.69 -3.15 -2.93
HO4 MRP E . 16.58 -2.09 1.27
C1 MTC F . -6.86 1.81 -1.60
C2 MTC F . -5.65 2.25 -2.30
C3 MTC F . -4.71 2.15 -3.04
C4 MTC F . -3.76 1.74 -4.03
C5 MTC F . -3.98 0.70 -4.89
C6 MTC F . -5.21 -0.07 -4.91
C7 MTC F . -6.32 -0.50 -4.80
C8 MTC F . -7.71 -0.78 -4.35
C9 MTC F . -8.75 -0.12 -5.23
C10 MTC F . -8.70 1.41 -5.09
C11 MTC F . -8.10 2.04 -3.85
C12 MTC F . -7.63 1.25 -2.83
C13 MTC F . -7.81 -0.23 -2.93
C14 MTC F . -8.11 -1.17 -1.81
C15 MTC F . -8.59 -0.73 -0.45
C16 MTC F . -10.90 1.24 -2.04
C17 MTC F . -8.47 4.58 -4.31
C18 MTC F . -8.63 6.95 -4.29
O8 MTC F . -7.83 -2.18 -4.41
O10 MTC F . -9.13 2.07 -6.00
O71 MTC F . -9.12 4.59 -5.32
O72 MTC F . -8.17 5.71 -3.71
N11 MTC F . -8.03 3.53 -3.63
S1 MTC F . -10.22 -1.49 -0.19
S2 MTC F . -11.34 -0.04 0.69
S3 MTC F . -12.26 0.89 -0.88
H11A MTC F . -7.29 2.70 -1.15
H4 MTC F . -2.83 2.26 -4.08
H5 MTC F . -3.19 0.49 -5.56
H91 MTC F . -9.75 -0.43 -4.95
H92 MTC F . -8.60 -0.37 -6.28
H14 MTC F . -8.19 -2.21 -1.94
H151 MTC F . -8.74 0.34 -0.41
H152 MTC F . -7.88 -1.06 0.29
H161 MTC F . -11.28 1.79 -2.90
H162 MTC F . -10.12 1.84 -1.57
H163 MTC F . -10.45 0.31 -2.40
H181 MTC F . -7.97 7.25 -5.11
H182 MTC F . -9.65 6.87 -4.66
H183 MTC F . -8.62 7.76 -3.55
HO8 MTC F . -6.93 -2.43 -4.21
H11 MTC F . -7.58 3.87 -2.80
#